data_4QJZ
#
_entry.id   4QJZ
#
_cell.length_a   36.771
_cell.length_b   42.813
_cell.length_c   61.114
_cell.angle_alpha   90.00
_cell.angle_beta   95.28
_cell.angle_gamma   90.00
#
_symmetry.space_group_name_H-M   'P 1 21 1'
#
loop_
_entity.id
_entity.type
_entity.pdbx_description
1 polymer 'Dihydrofolate reductase'
2 non-polymer N~6~-methyl-N~6~-(naphthalen-1-yl)pyrido[2,3-d]pyrimidine-2,4,6-triamine
3 non-polymer 'NADPH DIHYDRO-NICOTINAMIDE-ADENINE-DINUCLEOTIDE PHOSPHATE'
4 water water
#
_entity_poly.entity_id   1
_entity_poly.type   'polypeptide(L)'
_entity_poly.pdbx_seq_one_letter_code
;MNQQKSLTLIVALTTSYGIGRSNSLPWKLKKEISYFKRVTSFVPTFDSFESMNVVLMGRKTWESIPLQFRPLKGRINVVI
TRNESLDLGNGIHSAKSLDHALELLYRTYGSESSVQINRIFVIGGAQLYKAAMDHPKLDRIMATIIYKDIHCDVFFPLKF
RDKEWSSVWKKEKHSDLESWVGTKVPHGKINEDGFDYEFEMWTRDL
;
_entity_poly.pdbx_strand_id   D
#
loop_
_chem_comp.id
_chem_comp.type
_chem_comp.name
_chem_comp.formula
33M non-polymer N~6~-methyl-N~6~-(naphthalen-1-yl)pyrido[2,3-d]pyrimidine-2,4,6-triamine 'C18 H16 N6'
NDP non-polymer 'NADPH DIHYDRO-NICOTINAMIDE-ADENINE-DINUCLEOTIDE PHOSPHATE' 'C21 H30 N7 O17 P3'
#
# COMPACT_ATOMS: atom_id res chain seq x y z
N MET A 1 3.13 1.51 -23.53
CA MET A 1 2.16 0.43 -23.19
C MET A 1 2.10 0.18 -21.67
N ASN A 2 2.64 1.10 -20.89
CA ASN A 2 2.71 0.93 -19.44
C ASN A 2 2.30 2.16 -18.61
N GLN A 3 3.18 3.16 -18.61
CA GLN A 3 3.01 4.35 -17.80
C GLN A 3 1.64 5.00 -18.00
N GLN A 4 0.59 4.24 -17.69
CA GLN A 4 -0.74 4.75 -17.75
C GLN A 4 -1.50 4.57 -16.49
N LYS A 5 -1.03 3.76 -15.67
CA LYS A 5 -1.83 3.85 -14.43
C LYS A 5 -1.04 4.48 -13.25
N SER A 6 -1.72 5.26 -12.43
CA SER A 6 -1.12 5.81 -11.21
C SER A 6 -0.93 4.70 -10.19
N LEU A 7 0.02 4.93 -9.28
CA LEU A 7 0.32 4.05 -8.16
C LEU A 7 -0.20 4.72 -6.87
N THR A 8 -0.70 3.91 -5.95
CA THR A 8 -1.19 4.42 -4.63
C THR A 8 -0.35 3.71 -3.57
N LEU A 9 0.17 4.47 -2.59
CA LEU A 9 0.98 3.85 -1.52
C LEU A 9 0.03 3.82 -0.34
N ILE A 10 0.02 2.68 0.38
CA ILE A 10 -0.79 2.59 1.65
C ILE A 10 0.21 2.22 2.79
N VAL A 11 0.07 2.95 3.91
CA VAL A 11 1.04 2.87 5.02
C VAL A 11 0.35 3.27 6.34
N ALA A 12 0.77 2.60 7.42
CA ALA A 12 0.45 3.07 8.77
C ALA A 12 1.73 3.54 9.40
N LEU A 13 1.73 4.76 9.94
CA LEU A 13 2.98 5.36 10.47
C LEU A 13 2.75 6.22 11.68
N THR A 14 3.78 6.29 12.52
CA THR A 14 3.68 7.17 13.69
C THR A 14 3.84 8.62 13.28
N THR A 15 3.54 9.52 14.20
CA THR A 15 3.82 10.95 13.96
C THR A 15 5.29 11.29 13.72
N SER A 16 6.23 10.40 14.09
CA SER A 16 7.65 10.51 13.76
C SER A 16 8.08 9.67 12.55
N TYR A 17 7.08 9.23 11.75
CA TYR A 17 7.30 8.48 10.49
C TYR A 17 7.78 7.03 10.75
N GLY A 18 7.60 6.55 11.97
CA GLY A 18 8.02 5.15 12.24
C GLY A 18 7.07 4.16 11.64
N ILE A 19 7.57 3.12 10.95
CA ILE A 19 6.71 2.12 10.25
C ILE A 19 7.02 0.69 10.68
N GLY A 20 8.11 0.49 11.39
CA GLY A 20 8.50 -0.92 11.68
C GLY A 20 9.54 -1.04 12.78
N ARG A 21 9.67 -2.24 13.32
CA ARG A 21 10.55 -2.47 14.47
C ARG A 21 10.76 -3.96 14.52
N SER A 22 12.04 -4.35 14.48
CA SER A 22 12.43 -5.76 14.63
C SER A 22 11.77 -6.64 13.55
N ASN A 23 11.68 -6.14 12.31
CA ASN A 23 11.07 -6.92 11.23
C ASN A 23 9.56 -7.19 11.34
N SER A 24 8.84 -6.40 12.14
CA SER A 24 7.42 -6.50 12.24
C SER A 24 6.86 -5.13 12.45
N LEU A 25 5.56 -5.08 12.58
CA LEU A 25 4.88 -3.83 12.88
C LEU A 25 5.09 -3.52 14.35
N PRO A 26 5.26 -2.23 14.74
CA PRO A 26 5.36 -1.86 16.15
C PRO A 26 3.99 -1.85 16.93
N TRP A 27 2.94 -2.44 16.36
CA TRP A 27 1.62 -2.42 16.99
C TRP A 27 0.85 -3.63 16.51
N LYS A 28 -0.20 -3.94 17.24
N LYS A 28 -0.25 -3.92 17.16
CA LYS A 28 -1.15 -4.96 16.83
CA LYS A 28 -1.10 -5.05 16.71
C LYS A 28 -2.50 -4.27 16.83
C LYS A 28 -2.58 -4.60 16.73
N LEU A 29 -3.01 -3.96 15.63
CA LEU A 29 -4.26 -3.26 15.46
C LEU A 29 -5.17 -4.04 14.46
N LYS A 30 -6.03 -4.96 14.94
CA LYS A 30 -6.90 -5.75 14.00
C LYS A 30 -7.78 -4.95 13.07
N LYS A 31 -8.45 -3.91 13.59
CA LYS A 31 -9.30 -3.06 12.73
C LYS A 31 -8.49 -2.19 11.68
N GLU A 32 -7.30 -1.73 12.05
CA GLU A 32 -6.40 -1.07 11.10
C GLU A 32 -6.11 -2.07 9.97
N ILE A 33 -5.80 -3.33 10.29
CA ILE A 33 -5.67 -4.34 9.22
C ILE A 33 -6.90 -4.54 8.38
N SER A 34 -8.08 -4.36 8.96
CA SER A 34 -9.31 -4.61 8.24
C SER A 34 -9.51 -3.48 7.23
N TYR A 35 -9.09 -2.28 7.63
CA TYR A 35 -9.14 -1.12 6.76
C TYR A 35 -8.15 -1.34 5.64
N PHE A 36 -6.92 -1.77 5.98
CA PHE A 36 -5.94 -2.06 4.90
C PHE A 36 -6.55 -3.09 3.93
N LYS A 37 -7.17 -4.17 4.44
CA LYS A 37 -7.74 -5.16 3.57
C LYS A 37 -8.85 -4.54 2.76
N ARG A 38 -9.69 -3.75 3.41
CA ARG A 38 -10.79 -3.13 2.69
C ARG A 38 -10.32 -2.28 1.47
N VAL A 39 -9.35 -1.39 1.68
CA VAL A 39 -8.92 -0.44 0.70
C VAL A 39 -8.18 -1.19 -0.38
N THR A 40 -7.27 -2.07 0.01
CA THR A 40 -6.49 -2.74 -1.03
C THR A 40 -7.32 -3.70 -1.92
N SER A 41 -8.52 -4.10 -1.47
CA SER A 41 -9.30 -5.14 -2.16
C SER A 41 -10.43 -4.56 -2.99
N PHE A 42 -10.84 -3.33 -2.68
CA PHE A 42 -12.10 -2.80 -3.19
C PHE A 42 -12.01 -2.54 -4.66
N VAL A 43 -12.94 -3.16 -5.41
CA VAL A 43 -13.11 -2.91 -6.82
C VAL A 43 -14.60 -2.50 -7.00
N PRO A 44 -14.92 -1.44 -7.75
CA PRO A 44 -16.36 -1.11 -7.93
C PRO A 44 -17.11 -2.38 -8.38
N THR A 45 -18.31 -2.60 -7.83
CA THR A 45 -19.08 -3.82 -8.15
C THR A 45 -19.21 -4.21 -9.66
N PHE A 46 -19.56 -3.26 -10.53
CA PHE A 46 -19.69 -3.55 -11.93
C PHE A 46 -18.39 -4.12 -12.53
N ASP A 47 -17.26 -3.51 -12.14
CA ASP A 47 -15.99 -3.94 -12.72
C ASP A 47 -15.52 -5.17 -12.01
N SER A 48 -16.09 -5.48 -10.83
CA SER A 48 -15.59 -6.64 -9.97
C SER A 48 -15.80 -8.06 -10.50
N PHE A 49 -16.53 -8.16 -11.60
CA PHE A 49 -16.76 -9.42 -12.21
C PHE A 49 -15.42 -9.95 -12.73
N GLU A 50 -14.59 -9.07 -13.36
CA GLU A 50 -13.34 -9.48 -14.00
C GLU A 50 -12.05 -8.74 -13.54
N SER A 51 -12.19 -7.62 -12.84
CA SER A 51 -11.04 -6.78 -12.47
C SER A 51 -10.63 -7.03 -11.00
N MET A 52 -9.32 -7.00 -10.72
CA MET A 52 -8.82 -7.06 -9.35
C MET A 52 -7.75 -5.97 -9.12
N ASN A 53 -7.40 -5.75 -7.87
CA ASN A 53 -6.32 -4.83 -7.56
C ASN A 53 -5.08 -5.61 -7.32
N VAL A 54 -3.97 -4.90 -7.27
CA VAL A 54 -2.64 -5.50 -7.19
C VAL A 54 -1.97 -4.91 -5.94
N VAL A 55 -1.26 -5.73 -5.17
CA VAL A 55 -0.45 -5.27 -4.05
C VAL A 55 0.96 -5.62 -4.36
N LEU A 56 1.81 -4.57 -4.41
CA LEU A 56 3.26 -4.71 -4.60
C LEU A 56 3.93 -4.60 -3.24
N MET A 57 4.86 -5.54 -2.93
CA MET A 57 5.52 -5.48 -1.66
C MET A 57 6.98 -5.95 -1.77
N GLY A 58 7.81 -5.43 -0.87
CA GLY A 58 9.21 -5.90 -0.72
C GLY A 58 9.30 -7.32 -0.17
N ARG A 59 10.43 -7.97 -0.48
CA ARG A 59 10.59 -9.32 0.00
C ARG A 59 10.62 -9.44 1.56
N LYS A 60 11.17 -8.48 2.28
CA LYS A 60 11.10 -8.60 3.77
C LYS A 60 9.66 -8.44 4.31
N THR A 61 8.90 -7.51 3.72
CA THR A 61 7.48 -7.45 4.04
C THR A 61 6.76 -8.78 3.77
N TRP A 62 7.02 -9.38 2.62
CA TRP A 62 6.39 -10.62 2.24
C TRP A 62 6.70 -11.67 3.26
N GLU A 63 7.96 -11.72 3.66
CA GLU A 63 8.39 -12.67 4.73
C GLU A 63 7.86 -12.33 6.11
N SER A 64 7.53 -11.06 6.35
CA SER A 64 6.99 -10.66 7.63
C SER A 64 5.52 -11.08 7.79
N ILE A 65 4.82 -11.38 6.71
CA ILE A 65 3.38 -11.66 6.85
C ILE A 65 3.25 -13.12 7.37
N PRO A 66 2.73 -13.34 8.60
CA PRO A 66 2.54 -14.76 8.96
C PRO A 66 1.92 -15.53 7.80
N LEU A 67 2.35 -16.79 7.64
CA LEU A 67 1.89 -17.63 6.51
C LEU A 67 0.42 -17.82 6.37
N GLN A 68 -0.30 -17.80 7.49
CA GLN A 68 -1.74 -17.89 7.54
C GLN A 68 -2.33 -16.79 6.67
N PHE A 69 -1.67 -15.64 6.61
CA PHE A 69 -2.27 -14.53 5.90
C PHE A 69 -1.67 -14.19 4.54
N ARG A 70 -0.75 -15.04 4.08
CA ARG A 70 -0.23 -14.92 2.72
C ARG A 70 -0.57 -16.10 1.77
N PRO A 71 -0.73 -15.80 0.47
CA PRO A 71 -0.71 -14.44 -0.08
C PRO A 71 -1.99 -13.68 0.31
N LEU A 72 -1.96 -12.37 0.16
CA LEU A 72 -3.13 -11.60 0.54
C LEU A 72 -4.25 -11.93 -0.41
N LYS A 73 -5.32 -12.54 0.12
CA LYS A 73 -6.41 -13.00 -0.74
C LYS A 73 -7.14 -11.92 -1.45
N GLY A 74 -7.67 -12.26 -2.65
CA GLY A 74 -8.57 -11.36 -3.39
C GLY A 74 -7.92 -10.18 -4.07
N ARG A 75 -6.59 -10.26 -4.17
CA ARG A 75 -5.74 -9.22 -4.80
C ARG A 75 -4.61 -9.99 -5.54
N ILE A 76 -4.13 -9.42 -6.64
CA ILE A 76 -2.93 -9.94 -7.36
C ILE A 76 -1.66 -9.55 -6.60
N ASN A 77 -0.92 -10.53 -6.10
CA ASN A 77 0.27 -10.23 -5.28
C ASN A 77 1.57 -10.27 -6.12
N VAL A 78 2.48 -9.28 -5.90
CA VAL A 78 3.78 -9.23 -6.58
C VAL A 78 4.83 -8.87 -5.50
N VAL A 79 5.87 -9.68 -5.40
CA VAL A 79 6.97 -9.47 -4.47
C VAL A 79 8.16 -8.90 -5.22
N ILE A 80 8.75 -7.81 -4.72
CA ILE A 80 9.92 -7.17 -5.36
C ILE A 80 11.16 -7.73 -4.67
N THR A 81 12.06 -8.30 -5.46
CA THR A 81 13.25 -9.04 -4.95
C THR A 81 14.21 -9.18 -6.11
N ARG A 82 15.49 -9.10 -5.79
CA ARG A 82 16.51 -9.49 -6.74
C ARG A 82 16.88 -10.95 -6.66
N ASN A 83 16.22 -11.68 -5.76
CA ASN A 83 16.44 -13.11 -5.64
C ASN A 83 15.62 -13.84 -6.71
N GLU A 84 16.22 -13.94 -7.91
CA GLU A 84 15.62 -14.61 -9.06
C GLU A 84 15.18 -16.02 -8.70
N SER A 85 15.79 -16.59 -7.70
CA SER A 85 15.48 -17.95 -7.37
C SER A 85 14.50 -18.18 -6.26
N LEU A 86 14.09 -17.14 -5.59
CA LEU A 86 13.15 -17.27 -4.53
C LEU A 86 11.83 -17.77 -5.07
N ASP A 87 11.32 -18.82 -4.42
CA ASP A 87 10.21 -19.55 -4.98
C ASP A 87 9.03 -19.06 -4.21
N LEU A 88 8.09 -18.46 -4.92
CA LEU A 88 7.00 -17.82 -4.25
C LEU A 88 5.83 -18.73 -3.97
N GLY A 89 5.71 -19.76 -4.78
CA GLY A 89 4.66 -20.72 -4.66
C GLY A 89 3.43 -20.13 -5.31
N ASN A 90 2.49 -21.00 -5.68
CA ASN A 90 1.15 -20.60 -6.09
C ASN A 90 1.15 -19.58 -7.22
N GLY A 91 2.28 -19.47 -7.90
CA GLY A 91 2.40 -18.54 -9.00
C GLY A 91 2.72 -17.13 -8.56
N ILE A 92 2.38 -16.77 -7.32
CA ILE A 92 2.66 -15.41 -6.89
C ILE A 92 3.76 -14.79 -7.74
N HIS A 93 3.54 -13.55 -8.19
CA HIS A 93 4.49 -12.86 -9.04
C HIS A 93 5.71 -12.38 -8.31
N SER A 94 6.83 -12.38 -9.01
CA SER A 94 8.11 -11.88 -8.51
C SER A 94 8.75 -10.91 -9.53
N ALA A 95 9.28 -9.77 -9.10
CA ALA A 95 9.93 -8.84 -10.01
C ALA A 95 11.16 -8.12 -9.44
N LYS A 96 12.08 -7.70 -10.30
CA LYS A 96 13.38 -7.25 -9.79
C LYS A 96 13.45 -5.75 -9.44
N SER A 97 12.37 -5.02 -9.75
CA SER A 97 12.24 -3.58 -9.45
C SER A 97 10.80 -3.17 -9.55
N LEU A 98 10.46 -1.94 -9.12
CA LEU A 98 9.11 -1.47 -9.28
C LEU A 98 8.69 -1.43 -10.76
N ASP A 99 9.56 -0.96 -11.63
CA ASP A 99 9.13 -0.84 -13.02
C ASP A 99 9.07 -2.23 -13.68
N HIS A 100 9.92 -3.16 -13.25
CA HIS A 100 9.82 -4.51 -13.83
C HIS A 100 8.55 -5.20 -13.37
N ALA A 101 8.08 -4.89 -12.17
CA ALA A 101 6.77 -5.36 -11.72
C ALA A 101 5.63 -4.83 -12.63
N LEU A 102 5.68 -3.52 -12.92
CA LEU A 102 4.68 -2.87 -13.76
C LEU A 102 4.64 -3.47 -15.15
N GLU A 103 5.81 -3.75 -15.72
CA GLU A 103 5.87 -4.36 -17.07
C GLU A 103 5.33 -5.77 -17.03
N LEU A 104 5.75 -6.54 -16.03
CA LEU A 104 5.24 -7.91 -15.84
C LEU A 104 3.70 -7.92 -15.78
N LEU A 105 3.15 -7.01 -14.99
CA LEU A 105 1.69 -6.93 -14.86
C LEU A 105 0.99 -6.59 -16.11
N TYR A 106 1.47 -5.62 -16.83
CA TYR A 106 0.85 -5.25 -18.05
C TYR A 106 0.95 -6.37 -19.12
N ARG A 107 2.06 -7.10 -19.15
CA ARG A 107 2.25 -8.28 -20.02
C ARG A 107 1.31 -9.46 -19.70
N THR A 108 1.21 -9.74 -18.42
CA THR A 108 0.41 -10.79 -17.87
C THR A 108 -1.10 -10.55 -17.98
N TYR A 109 -1.51 -9.31 -17.76
CA TYR A 109 -2.91 -8.97 -17.65
C TYR A 109 -3.20 -7.88 -18.65
N GLY A 110 -3.08 -8.22 -19.89
CA GLY A 110 -3.41 -7.33 -20.98
C GLY A 110 -4.78 -7.60 -21.59
N SER A 111 -5.03 -7.06 -22.76
CA SER A 111 -6.34 -7.23 -23.39
C SER A 111 -6.58 -8.70 -23.70
N GLU A 112 -5.56 -9.52 -23.61
CA GLU A 112 -5.69 -10.94 -23.91
C GLU A 112 -5.87 -11.73 -22.65
N SER A 113 -6.32 -11.07 -21.59
CA SER A 113 -6.42 -11.70 -20.27
C SER A 113 -7.80 -11.68 -19.66
N SER A 114 -8.23 -12.78 -19.09
CA SER A 114 -9.54 -12.82 -18.44
C SER A 114 -9.58 -11.87 -17.25
N VAL A 115 -8.51 -11.84 -16.48
CA VAL A 115 -8.37 -10.96 -15.35
C VAL A 115 -7.79 -9.61 -15.75
N GLN A 116 -8.46 -8.54 -15.33
CA GLN A 116 -7.95 -7.21 -15.54
C GLN A 116 -7.59 -6.48 -14.24
N ILE A 117 -6.61 -5.59 -14.31
CA ILE A 117 -6.19 -4.81 -13.16
C ILE A 117 -6.99 -3.55 -12.99
N ASN A 118 -7.43 -3.30 -11.77
CA ASN A 118 -8.14 -2.09 -11.42
C ASN A 118 -7.16 -1.05 -10.85
N ARG A 119 -6.82 -1.19 -9.58
CA ARG A 119 -5.82 -0.33 -8.94
C ARG A 119 -4.56 -1.06 -8.48
N ILE A 120 -3.43 -0.35 -8.45
CA ILE A 120 -2.17 -0.88 -7.96
C ILE A 120 -1.70 -0.18 -6.70
N PHE A 121 -1.48 -0.99 -5.67
CA PHE A 121 -1.00 -0.50 -4.40
C PHE A 121 0.43 -0.88 -4.14
N VAL A 122 1.19 0.05 -3.52
CA VAL A 122 2.46 -0.32 -2.86
C VAL A 122 2.24 -0.44 -1.38
N ILE A 123 2.56 -1.60 -0.84
CA ILE A 123 2.18 -1.84 0.60
C ILE A 123 3.37 -1.96 1.59
N GLY A 124 4.62 -1.62 1.17
CA GLY A 124 5.79 -1.59 2.08
C GLY A 124 6.86 -2.54 1.56
N GLY A 125 8.04 -2.62 2.21
CA GLY A 125 8.39 -1.84 3.38
C GLY A 125 9.13 -0.56 3.03
N ALA A 126 10.02 -0.14 3.90
CA ALA A 126 10.66 1.17 3.74
C ALA A 126 11.41 1.24 2.41
N GLN A 127 12.12 0.14 2.10
CA GLN A 127 12.93 0.14 0.89
C GLN A 127 12.03 0.28 -0.36
N LEU A 128 10.94 -0.47 -0.43
CA LEU A 128 10.11 -0.35 -1.63
C LEU A 128 9.40 1.00 -1.61
N TYR A 129 9.05 1.51 -0.39
CA TYR A 129 8.38 2.83 -0.32
C TYR A 129 9.33 3.92 -0.85
N LYS A 130 10.61 3.79 -0.60
CA LYS A 130 11.58 4.80 -1.10
C LYS A 130 11.54 4.81 -2.63
N ALA A 131 11.52 3.64 -3.27
CA ALA A 131 11.41 3.56 -4.75
C ALA A 131 10.08 4.12 -5.22
N ALA A 132 9.03 3.83 -4.47
CA ALA A 132 7.69 4.28 -4.88
C ALA A 132 7.64 5.83 -4.79
N MET A 133 8.14 6.41 -3.67
CA MET A 133 8.16 7.89 -3.58
C MET A 133 8.94 8.57 -4.66
N ASP A 134 9.95 7.88 -5.23
CA ASP A 134 10.73 8.44 -6.39
C ASP A 134 10.06 8.22 -7.76
N HIS A 135 8.98 7.42 -7.80
CA HIS A 135 8.40 7.00 -9.07
C HIS A 135 7.51 8.09 -9.57
N PRO A 136 7.58 8.37 -10.86
CA PRO A 136 6.76 9.47 -11.40
C PRO A 136 5.26 9.20 -11.44
N LYS A 137 4.80 7.96 -11.18
CA LYS A 137 3.38 7.68 -11.27
C LYS A 137 2.73 7.60 -9.88
N LEU A 138 3.51 7.75 -8.79
CA LEU A 138 2.93 7.67 -7.43
C LEU A 138 2.25 9.00 -7.16
N ASP A 139 0.92 8.98 -6.94
CA ASP A 139 0.21 10.22 -6.73
C ASP A 139 -0.66 10.27 -5.51
N ARG A 140 -0.73 9.17 -4.78
CA ARG A 140 -1.66 9.08 -3.68
C ARG A 140 -1.07 8.28 -2.52
N ILE A 141 -1.37 8.73 -1.30
CA ILE A 141 -0.90 8.03 -0.07
C ILE A 141 -2.09 7.84 0.80
N MET A 142 -2.42 6.56 1.12
CA MET A 142 -3.48 6.25 2.11
C MET A 142 -2.72 6.04 3.40
N ALA A 143 -2.82 7.01 4.31
CA ALA A 143 -1.95 7.00 5.48
C ALA A 143 -2.75 6.80 6.70
N THR A 144 -2.29 5.87 7.55
CA THR A 144 -2.93 5.73 8.86
C THR A 144 -1.98 6.39 9.81
N ILE A 145 -2.39 7.52 10.40
CA ILE A 145 -1.45 8.27 11.33
C ILE A 145 -1.65 7.80 12.75
N ILE A 146 -0.55 7.36 13.39
CA ILE A 146 -0.59 6.76 14.73
C ILE A 146 0.00 7.78 15.67
N TYR A 147 -0.84 8.28 16.57
CA TYR A 147 -0.47 9.34 17.48
C TYR A 147 0.29 8.85 18.70
N LYS A 148 1.43 8.20 18.48
CA LYS A 148 2.30 7.78 19.59
C LYS A 148 3.66 7.55 18.99
N ASP A 149 4.69 8.08 19.65
CA ASP A 149 6.01 8.01 19.08
C ASP A 149 6.61 6.66 19.51
N ILE A 150 5.94 5.60 19.08
CA ILE A 150 6.32 4.25 19.38
C ILE A 150 7.74 3.94 18.86
N HIS A 151 8.63 3.33 19.65
CA HIS A 151 9.99 3.11 19.13
C HIS A 151 10.07 2.27 17.89
N CYS A 152 10.72 2.81 16.85
CA CYS A 152 10.83 2.07 15.62
C CYS A 152 12.30 2.06 15.15
N ASP A 153 12.60 1.14 14.24
CA ASP A 153 13.95 1.13 13.63
C ASP A 153 13.91 1.24 12.10
N VAL A 154 12.71 1.35 11.55
CA VAL A 154 12.51 1.50 10.12
C VAL A 154 11.52 2.67 9.98
N PHE A 155 11.84 3.56 9.06
CA PHE A 155 11.12 4.82 8.90
C PHE A 155 10.64 5.04 7.48
N PHE A 156 9.50 5.74 7.38
CA PHE A 156 8.98 6.16 6.02
C PHE A 156 9.93 7.20 5.47
N PRO A 157 10.30 7.09 4.16
CA PRO A 157 11.51 7.81 3.66
C PRO A 157 11.32 9.31 3.33
N LEU A 158 10.05 9.76 3.24
CA LEU A 158 9.86 11.11 2.78
C LEU A 158 8.76 11.70 3.69
N LYS A 159 9.00 12.87 4.26
CA LYS A 159 8.13 13.44 5.35
C LYS A 159 7.00 14.25 4.71
N PHE A 160 6.11 13.51 4.11
CA PHE A 160 5.10 14.09 3.23
C PHE A 160 4.03 14.94 3.96
N ARG A 161 3.97 14.82 5.27
CA ARG A 161 2.96 15.51 6.06
C ARG A 161 3.53 16.78 6.67
N ASP A 162 4.82 16.99 6.47
CA ASP A 162 5.51 18.14 7.04
C ASP A 162 5.37 19.38 6.20
N LYS A 163 5.81 20.50 6.75
CA LYS A 163 5.78 21.80 6.09
C LYS A 163 6.62 21.79 4.80
N GLU A 164 7.83 21.19 4.84
CA GLU A 164 8.68 21.22 3.64
C GLU A 164 8.02 20.64 2.39
N TRP A 165 7.11 19.67 2.57
CA TRP A 165 6.48 18.98 1.41
C TRP A 165 5.05 19.46 1.13
N SER A 166 4.57 20.48 1.84
CA SER A 166 3.19 20.88 1.81
C SER A 166 2.75 21.64 0.57
N SER A 167 3.67 22.00 -0.34
CA SER A 167 3.17 22.58 -1.61
C SER A 167 2.91 21.45 -2.59
N VAL A 168 3.47 20.28 -2.34
CA VAL A 168 3.35 19.15 -3.25
C VAL A 168 2.27 18.18 -2.77
N TRP A 169 2.34 17.83 -1.48
CA TRP A 169 1.38 16.89 -0.92
C TRP A 169 0.31 17.62 -0.13
N LYS A 170 -0.94 17.24 -0.34
CA LYS A 170 -2.06 17.87 0.40
C LYS A 170 -3.01 16.82 0.90
N LYS A 171 -3.56 17.04 2.07
CA LYS A 171 -4.46 16.08 2.68
C LYS A 171 -5.86 16.37 2.19
N GLU A 172 -6.52 15.35 1.66
CA GLU A 172 -7.89 15.48 1.08
C GLU A 172 -8.94 15.41 2.18
N LYS A 173 -10.14 15.93 1.89
CA LYS A 173 -11.25 15.84 2.86
C LYS A 173 -11.69 14.41 3.02
N HIS A 174 -12.17 14.07 4.20
CA HIS A 174 -12.71 12.75 4.46
C HIS A 174 -13.72 12.25 3.46
N SER A 175 -14.67 13.11 3.03
CA SER A 175 -15.60 12.68 1.94
C SER A 175 -14.93 12.27 0.65
N ASP A 176 -13.83 12.93 0.29
CA ASP A 176 -13.03 12.59 -0.85
C ASP A 176 -12.29 11.28 -0.67
N LEU A 177 -11.75 11.09 0.53
CA LEU A 177 -11.20 9.74 0.87
C LEU A 177 -12.25 8.67 0.62
N GLU A 178 -13.46 8.93 1.11
CA GLU A 178 -14.55 7.91 0.97
C GLU A 178 -14.97 7.71 -0.48
N SER A 179 -14.96 8.76 -1.26
CA SER A 179 -15.49 8.64 -2.61
C SER A 179 -14.44 7.87 -3.42
N TRP A 180 -13.17 8.12 -3.10
CA TRP A 180 -12.08 7.31 -3.68
C TRP A 180 -12.12 5.85 -3.29
N VAL A 181 -12.23 5.52 -1.98
CA VAL A 181 -12.15 4.16 -1.37
C VAL A 181 -13.43 3.37 -1.69
N GLY A 182 -14.46 4.09 -2.11
CA GLY A 182 -15.67 3.40 -2.56
C GLY A 182 -16.66 3.05 -1.45
N THR A 183 -16.29 3.15 -0.17
CA THR A 183 -17.22 2.99 0.97
C THR A 183 -17.02 4.03 2.05
N LYS A 184 -17.93 4.04 3.02
CA LYS A 184 -17.79 4.87 4.21
C LYS A 184 -16.68 4.30 5.11
N VAL A 185 -15.79 5.19 5.52
CA VAL A 185 -14.58 4.85 6.33
C VAL A 185 -14.71 5.55 7.69
N PRO A 186 -14.25 4.88 8.82
CA PRO A 186 -14.21 5.54 10.11
C PRO A 186 -13.54 6.93 10.02
N HIS A 187 -14.21 7.94 10.60
CA HIS A 187 -13.81 9.35 10.52
C HIS A 187 -13.33 9.78 11.87
N GLY A 188 -12.12 10.34 11.94
CA GLY A 188 -11.48 10.76 13.17
C GLY A 188 -10.84 9.62 13.97
N LYS A 189 -10.57 9.90 15.26
CA LYS A 189 -9.71 9.05 16.11
C LYS A 189 -10.29 7.75 16.55
N ILE A 190 -9.47 6.71 16.40
CA ILE A 190 -9.84 5.40 16.79
C ILE A 190 -8.81 4.97 17.80
N ASN A 191 -9.25 4.35 18.89
CA ASN A 191 -8.28 3.90 19.88
C ASN A 191 -8.45 2.40 20.12
N GLU A 192 -7.60 1.57 19.51
CA GLU A 192 -7.72 0.13 19.70
C GLU A 192 -6.80 -0.33 20.83
N ASP A 193 -5.64 0.29 21.02
CA ASP A 193 -4.64 -0.29 21.95
C ASP A 193 -3.80 0.63 22.86
N GLY A 194 -4.39 1.71 23.34
CA GLY A 194 -3.67 2.64 24.20
C GLY A 194 -3.21 3.93 23.54
N PHE A 195 -3.50 4.08 22.25
CA PHE A 195 -3.21 5.28 21.50
C PHE A 195 -4.18 5.46 20.32
N ASP A 196 -4.32 6.69 19.90
CA ASP A 196 -5.25 7.07 18.90
C ASP A 196 -4.59 6.88 17.54
N TYR A 197 -5.40 6.55 16.55
CA TYR A 197 -4.92 6.62 15.17
C TYR A 197 -6.04 7.13 14.28
N GLU A 198 -5.74 7.53 13.06
CA GLU A 198 -6.82 7.96 12.16
C GLU A 198 -6.44 7.81 10.69
N PHE A 199 -7.45 7.67 9.82
CA PHE A 199 -7.22 7.44 8.41
C PHE A 199 -7.17 8.75 7.64
N GLU A 200 -6.18 8.90 6.75
CA GLU A 200 -6.03 10.08 5.92
C GLU A 200 -5.73 9.71 4.47
N MET A 201 -6.01 10.62 3.54
CA MET A 201 -5.60 10.45 2.15
C MET A 201 -4.94 11.68 1.68
N TRP A 202 -3.72 11.46 1.15
CA TRP A 202 -2.87 12.55 0.66
C TRP A 202 -2.64 12.38 -0.83
N THR A 203 -2.76 13.48 -1.54
CA THR A 203 -2.42 13.43 -2.98
C THR A 203 -1.45 14.49 -3.45
N ARG A 204 -0.84 14.23 -4.62
CA ARG A 204 -0.03 15.24 -5.29
C ARG A 204 -0.31 15.20 -6.78
N ASP A 205 0.17 16.23 -7.47
CA ASP A 205 -0.01 16.31 -8.91
C ASP A 205 1.13 15.56 -9.58
N LEU A 206 0.80 14.76 -10.59
CA LEU A 206 1.80 14.07 -11.42
C LEU A 206 2.53 15.07 -12.32
CAL 33M B . 0.70 -3.50 5.70
C5 33M B . -0.04 -2.33 5.91
C6 33M B . 0.02 -1.17 5.06
NAC 33M B . 0.82 -1.18 4.01
N1 33M B . -0.74 -0.08 5.29
C2 33M B . -1.53 -0.06 6.41
NAB 33M B . -2.35 0.99 6.71
N3 33M B . -1.56 -1.11 7.25
C4 33M B . -0.88 -2.26 7.02
NAM 33M B . -1.03 -3.27 7.92
CAK 33M B . -0.29 -4.42 7.71
CAR 33M B . 0.55 -4.59 6.62
NAX 33M B . 1.21 -5.78 6.46
CAA 33M B . 2.17 -5.92 5.29
CAS 33M B . 1.02 -6.84 7.34
CAV 33M B . -0.16 -7.60 7.25
CAJ 33M B . -1.17 -7.36 6.28
CAE 33M B . -2.35 -8.08 6.21
CAD 33M B . -2.54 -9.14 7.13
CAH 33M B . -1.56 -9.44 8.09
CAT 33M B . -0.36 -8.68 8.17
CAI 33M B . 0.59 -8.98 9.16
CAF 33M B . 1.75 -8.19 9.24
CAG 33M B . 1.99 -7.15 8.30
PA NDP C . 11.07 -4.33 2.24
O1A NDP C . 11.18 -3.01 1.51
O2A NDP C . 9.81 -4.94 2.61
O5B NDP C . 11.91 -5.46 1.46
C5B NDP C . 13.29 -5.10 1.16
C4B NDP C . 13.72 -6.19 0.22
O4B NDP C . 12.81 -6.09 -0.86
C3B NDP C . 15.09 -5.97 -0.37
O3B NDP C . 16.01 -6.72 0.48
C2B NDP C . 14.95 -6.58 -1.74
O2B NDP C . 14.72 -7.97 -1.77
C1B NDP C . 13.53 -6.11 -2.12
N9A NDP C . 13.39 -4.69 -2.59
C8A NDP C . 12.75 -3.68 -1.97
N7A NDP C . 12.82 -2.60 -2.76
C5A NDP C . 13.47 -2.97 -3.89
C6A NDP C . 13.79 -2.33 -5.01
N6A NDP C . 13.45 -1.03 -5.12
N1A NDP C . 14.46 -2.92 -6.00
C2A NDP C . 14.82 -4.26 -5.92
N3A NDP C . 14.51 -4.92 -4.76
C4A NDP C . 13.83 -4.27 -3.76
O3 NDP C . 11.88 -4.11 3.66
PN NDP C . 12.32 -3.05 4.65
O1N NDP C . 12.63 -1.74 4.03
O2N NDP C . 13.34 -3.59 5.63
O5D NDP C . 10.99 -2.86 5.48
C5D NDP C . 10.50 -3.93 6.34
C4D NDP C . 9.89 -3.20 7.56
O4D NDP C . 8.81 -2.47 7.05
C3D NDP C . 9.26 -4.23 8.63
O3D NDP C . 9.52 -3.72 9.95
C2D NDP C . 7.78 -4.28 8.24
O2D NDP C . 6.91 -4.76 9.40
C1D NDP C . 7.64 -2.76 7.99
N1N NDP C . 6.40 -2.43 7.24
C2N NDP C . 5.51 -1.49 7.79
C3N NDP C . 4.37 -1.15 7.06
C7N NDP C . 3.49 -0.19 7.60
O7N NDP C . 2.54 0.26 6.93
N7N NDP C . 3.76 0.26 8.84
C4N NDP C . 4.02 -1.85 5.89
C5N NDP C . 4.95 -2.78 5.30
C6N NDP C . 6.07 -3.09 6.02
P2B NDP C . 15.93 -9.16 -1.95
O1X NDP C . 16.65 -8.81 -3.33
O2X NDP C . 16.85 -8.78 -0.80
O3X NDP C . 15.26 -10.47 -1.85
#